data_3R5M
#
_entry.id   3R5M
#
_cell.length_a   65.950
_cell.length_b   65.830
_cell.length_c   110.290
_cell.angle_alpha   90.00
_cell.angle_beta   90.00
_cell.angle_gamma   90.00
#
_symmetry.space_group_name_H-M   'P 21 21 21'
#
loop_
_entity.id
_entity.type
_entity.pdbx_description
1 polymer 'Retinoic acid receptor RXR-alpha'
2 polymer 'Nuclear receptor coactivator 2'
3 non-polymer "5,5'-di(prop-2-en-1-yl)biphenyl-2,2'-diol"
4 water water
#
loop_
_entity_poly.entity_id
_entity_poly.type
_entity_poly.pdbx_seq_one_letter_code
_entity_poly.pdbx_strand_id
1 'polypeptide(L)'
;TSSANEDMPVERILEAELAVEPKTETYVEANMGLNPSSPNDPVTNICQAADKQLFTLVEWAKRIPHFSELPLDDQVILLR
AGWNELLIASFSHRSIAVKDGILLATGLHVHRNSAHSAGVGAIFDRVLTELVSKMRDMQMDKTELGCLRAIVLFNPDSKG
LSNPAEVEALREKVYASLEAYCKHKYPEQPGRFAKLLLRLPALRSIGLKCLEHLFFFKLIGDTPIDTFLMEMLEAPHQMT
;
A,C
2 'polypeptide(L)' HKILHRLLQD B,D
#
loop_
_chem_comp.id
_chem_comp.type
_chem_comp.name
_chem_comp.formula
MLO non-polymer 5,5'-di(prop-2-en-1-yl)biphenyl-2,2'-diol 'C18 H18 O2'
#
# COMPACT_ATOMS: atom_id res chain seq x y z
N ASN A 5 -16.27 15.82 -11.58
CA ASN A 5 -17.36 14.79 -11.62
C ASN A 5 -18.02 14.68 -12.99
N GLU A 6 -17.78 15.65 -13.87
CA GLU A 6 -18.38 15.64 -15.21
C GLU A 6 -17.75 14.56 -16.10
N ASP A 7 -16.42 14.47 -16.05
CA ASP A 7 -15.67 13.49 -16.85
C ASP A 7 -15.68 12.07 -16.27
N MET A 8 -15.68 11.98 -14.94
CA MET A 8 -15.75 10.69 -14.23
C MET A 8 -16.78 10.78 -13.11
N PRO A 9 -18.06 10.50 -13.43
CA PRO A 9 -19.16 10.67 -12.48
C PRO A 9 -19.23 9.58 -11.42
N VAL A 10 -19.46 10.00 -10.18
CA VAL A 10 -19.61 9.07 -9.05
C VAL A 10 -20.93 8.29 -9.10
N GLU A 11 -21.89 8.76 -9.89
CA GLU A 11 -23.16 8.06 -10.04
C GLU A 11 -22.98 6.82 -10.90
N ARG A 12 -22.10 6.90 -11.88
CA ARG A 12 -21.84 5.80 -12.82
C ARG A 12 -20.84 4.79 -12.28
N ILE A 13 -20.01 5.27 -11.35
CA ILE A 13 -19.07 4.41 -10.63
C ILE A 13 -19.85 3.49 -9.70
N LEU A 14 -20.83 4.06 -9.01
CA LEU A 14 -21.76 3.30 -8.19
C LEU A 14 -22.55 2.30 -9.03
N GLU A 15 -23.00 2.76 -10.21
CA GLU A 15 -23.83 1.94 -11.11
C GLU A 15 -23.08 0.69 -11.56
N ALA A 16 -21.76 0.79 -11.65
CA ALA A 16 -20.90 -0.35 -11.98
C ALA A 16 -20.81 -1.31 -10.80
N GLU A 17 -20.86 -0.78 -9.58
CA GLU A 17 -20.92 -1.59 -8.37
C GLU A 17 -22.28 -2.26 -8.27
N LEU A 18 -23.34 -1.47 -8.46
CA LEU A 18 -24.70 -1.96 -8.34
C LEU A 18 -25.07 -2.88 -9.50
N ALA A 19 -24.35 -2.75 -10.61
CA ALA A 19 -24.57 -3.65 -11.77
C ALA A 19 -24.06 -5.07 -11.49
N VAL A 20 -23.05 -5.18 -10.63
CA VAL A 20 -22.35 -6.45 -10.42
C VAL A 20 -22.59 -7.09 -9.04
N GLU A 21 -23.54 -6.53 -8.28
CA GLU A 21 -23.96 -7.09 -7.00
C GLU A 21 -24.37 -8.56 -7.13
N PRO A 22 -23.84 -9.43 -6.24
CA PRO A 22 -24.11 -10.88 -6.30
C PRO A 22 -25.58 -11.19 -6.02
N ASN A 40 -15.74 -27.97 0.56
CA ASN A 40 -16.05 -27.67 1.96
C ASN A 40 -14.82 -27.17 2.73
N ASP A 41 -13.64 -27.28 2.12
CA ASP A 41 -12.45 -26.60 2.59
C ASP A 41 -12.66 -25.11 2.35
N PRO A 42 -12.61 -24.29 3.42
CA PRO A 42 -12.86 -22.86 3.28
C PRO A 42 -12.06 -22.20 2.15
N VAL A 43 -10.78 -22.56 2.04
CA VAL A 43 -9.91 -22.07 0.98
C VAL A 43 -10.43 -22.44 -0.42
N THR A 44 -10.84 -23.69 -0.61
CA THR A 44 -11.49 -24.15 -1.86
C THR A 44 -12.68 -23.26 -2.23
N ASN A 45 -13.50 -22.93 -1.23
CA ASN A 45 -14.62 -22.01 -1.44
C ASN A 45 -14.14 -20.65 -1.92
N ILE A 46 -13.10 -20.15 -1.24
CA ILE A 46 -12.54 -18.84 -1.49
C ILE A 46 -11.95 -18.73 -2.91
N CYS A 47 -11.31 -19.79 -3.38
CA CYS A 47 -10.84 -19.86 -4.76
C CYS A 47 -11.98 -19.88 -5.79
N GLN A 48 -12.94 -20.79 -5.61
CA GLN A 48 -14.10 -20.86 -6.50
C GLN A 48 -14.78 -19.50 -6.60
N ALA A 49 -15.00 -18.88 -5.44
CA ALA A 49 -15.50 -17.51 -5.36
C ALA A 49 -14.63 -16.56 -6.18
N ALA A 50 -13.30 -16.63 -5.98
CA ALA A 50 -12.38 -15.77 -6.72
C ALA A 50 -12.53 -15.93 -8.24
N ASP A 51 -12.79 -17.17 -8.66
CA ASP A 51 -12.96 -17.49 -10.07
C ASP A 51 -14.26 -16.96 -10.65
N LYS A 52 -15.35 -17.15 -9.92
CA LYS A 52 -16.63 -16.59 -10.31
C LYS A 52 -16.46 -15.09 -10.41
N GLN A 53 -15.69 -14.54 -9.48
CA GLN A 53 -15.62 -13.08 -9.33
C GLN A 53 -14.69 -12.39 -10.31
N LEU A 54 -13.84 -13.16 -10.97
CA LEU A 54 -12.99 -12.60 -12.02
C LEU A 54 -13.80 -12.27 -13.28
N PHE A 55 -14.71 -13.15 -13.68
CA PHE A 55 -15.57 -12.90 -14.85
C PHE A 55 -16.35 -11.62 -14.66
N THR A 56 -16.94 -11.49 -13.49
CA THR A 56 -17.76 -10.35 -13.11
C THR A 56 -16.94 -9.05 -13.06
N LEU A 57 -15.78 -9.10 -12.42
CA LEU A 57 -14.86 -7.98 -12.34
C LEU A 57 -14.65 -7.31 -13.69
N VAL A 58 -14.61 -8.12 -14.74
CA VAL A 58 -14.42 -7.63 -16.11
C VAL A 58 -15.59 -6.75 -16.54
N GLU A 59 -16.83 -7.20 -16.27
CA GLU A 59 -18.03 -6.37 -16.51
C GLU A 59 -17.94 -5.09 -15.69
N TRP A 60 -17.69 -5.24 -14.39
CA TRP A 60 -17.59 -4.07 -13.50
C TRP A 60 -16.66 -3.02 -14.10
N ALA A 61 -15.47 -3.45 -14.51
CA ALA A 61 -14.47 -2.56 -15.08
C ALA A 61 -14.98 -1.92 -16.38
N LYS A 62 -15.56 -2.75 -17.25
CA LYS A 62 -16.19 -2.29 -18.50
C LYS A 62 -17.25 -1.21 -18.26
N ARG A 63 -17.80 -1.19 -17.04
CA ARG A 63 -18.74 -0.15 -16.66
C ARG A 63 -18.10 1.02 -15.92
N ILE A 64 -16.78 0.96 -15.73
CA ILE A 64 -16.07 2.10 -15.14
C ILE A 64 -15.69 3.09 -16.23
N PRO A 65 -16.21 4.33 -16.16
CA PRO A 65 -16.05 5.32 -17.21
C PRO A 65 -14.66 5.37 -17.80
N HIS A 66 -14.60 5.21 -19.12
CA HIS A 66 -13.39 5.35 -19.94
C HIS A 66 -12.49 4.12 -19.93
N PHE A 67 -12.89 3.07 -19.22
CA PHE A 67 -12.06 1.87 -19.15
C PHE A 67 -11.90 1.23 -20.52
N SER A 68 -13.04 0.89 -21.14
CA SER A 68 -13.07 0.27 -22.47
C SER A 68 -12.27 1.03 -23.53
N GLU A 69 -12.29 2.36 -23.45
CA GLU A 69 -11.61 3.25 -24.39
C GLU A 69 -10.09 3.11 -24.40
N LEU A 70 -9.54 2.51 -23.35
CA LEU A 70 -8.10 2.25 -23.28
C LEU A 70 -7.66 1.12 -24.24
N PRO A 71 -6.39 1.14 -24.69
CA PRO A 71 -5.89 0.08 -25.55
C PRO A 71 -6.08 -1.28 -24.90
N LEU A 72 -6.60 -2.25 -25.66
CA LEU A 72 -6.98 -3.57 -25.14
C LEU A 72 -5.90 -4.21 -24.24
N ASP A 73 -4.63 -4.05 -24.62
CA ASP A 73 -3.51 -4.59 -23.83
C ASP A 73 -3.39 -3.97 -22.44
N ASP A 74 -3.67 -2.67 -22.35
CA ASP A 74 -3.64 -1.94 -21.09
C ASP A 74 -4.78 -2.36 -20.14
N GLN A 75 -5.96 -2.61 -20.70
CA GLN A 75 -7.06 -3.23 -19.96
C GLN A 75 -6.61 -4.55 -19.33
N VAL A 76 -5.93 -5.37 -20.14
CA VAL A 76 -5.42 -6.66 -19.67
C VAL A 76 -4.46 -6.46 -18.52
N ILE A 77 -3.47 -5.57 -18.71
CA ILE A 77 -2.43 -5.29 -17.72
C ILE A 77 -3.03 -4.83 -16.39
N LEU A 78 -3.85 -3.78 -16.43
CA LEU A 78 -4.46 -3.22 -15.24
C LEU A 78 -5.19 -4.27 -14.40
N LEU A 79 -5.95 -5.13 -15.09
CA LEU A 79 -6.70 -6.22 -14.43
C LEU A 79 -5.80 -7.36 -13.98
N ARG A 80 -4.74 -7.65 -14.73
CA ARG A 80 -3.77 -8.65 -14.28
C ARG A 80 -3.04 -8.17 -13.03
N ALA A 81 -2.98 -6.84 -12.87
CA ALA A 81 -2.30 -6.21 -11.75
C ALA A 81 -3.23 -6.01 -10.57
N GLY A 82 -4.47 -5.62 -10.86
CA GLY A 82 -5.38 -5.16 -9.81
C GLY A 82 -6.33 -6.19 -9.24
N TRP A 83 -6.51 -7.29 -9.92
CA TRP A 83 -7.60 -8.17 -9.58
C TRP A 83 -7.61 -8.56 -8.17
N ASN A 84 -6.45 -8.68 -7.57
CA ASN A 84 -6.41 -9.00 -6.18
C ASN A 84 -6.94 -8.08 -5.13
N GLU A 85 -6.55 -6.83 -5.20
CA GLU A 85 -7.00 -5.84 -4.25
C GLU A 85 -8.39 -5.57 -4.55
N LEU A 86 -8.71 -5.65 -5.81
CA LEU A 86 -10.06 -5.44 -6.31
C LEU A 86 -11.10 -6.42 -5.75
N LEU A 87 -10.83 -7.72 -5.88
CA LEU A 87 -11.73 -8.74 -5.34
C LEU A 87 -11.80 -8.70 -3.80
N ILE A 88 -10.65 -8.46 -3.17
CA ILE A 88 -10.54 -8.38 -1.74
C ILE A 88 -11.26 -7.14 -1.18
N ALA A 89 -11.18 -6.01 -1.89
CA ALA A 89 -11.88 -4.79 -1.48
C ALA A 89 -13.40 -5.00 -1.46
N SER A 90 -13.93 -5.60 -2.51
CA SER A 90 -15.36 -5.85 -2.63
C SER A 90 -15.91 -6.79 -1.54
N PHE A 91 -15.29 -7.95 -1.35
CA PHE A 91 -15.79 -8.87 -0.31
C PHE A 91 -15.59 -8.40 1.13
N SER A 92 -14.61 -7.53 1.34
CA SER A 92 -14.40 -6.92 2.65
C SER A 92 -15.56 -5.99 3.02
N HIS A 93 -15.94 -5.13 2.07
CA HIS A 93 -17.09 -4.25 2.23
C HIS A 93 -18.39 -5.03 2.29
N ARG A 94 -18.42 -6.18 1.61
CA ARG A 94 -19.57 -7.07 1.61
C ARG A 94 -19.74 -7.70 2.99
N SER A 95 -18.66 -7.73 3.76
CA SER A 95 -18.61 -8.46 5.02
C SER A 95 -18.84 -7.61 6.27
N ILE A 96 -19.16 -6.34 6.10
CA ILE A 96 -19.49 -5.47 7.24
C ILE A 96 -20.73 -5.94 8.01
N ALA A 97 -21.67 -6.54 7.30
CA ALA A 97 -22.91 -7.04 7.91
C ALA A 97 -22.72 -8.30 8.76
N VAL A 98 -21.60 -8.99 8.54
CA VAL A 98 -21.30 -10.22 9.28
C VAL A 98 -20.30 -9.95 10.41
N LYS A 99 -20.41 -10.72 11.49
CA LYS A 99 -19.70 -10.39 12.73
C LYS A 99 -18.27 -10.94 12.84
N ASP A 100 -18.06 -12.20 12.47
CA ASP A 100 -16.70 -12.75 12.50
C ASP A 100 -16.34 -13.67 11.31
N GLY A 101 -16.56 -13.15 10.12
CA GLY A 101 -16.25 -13.88 8.90
C GLY A 101 -16.40 -13.01 7.67
N ILE A 102 -16.45 -13.64 6.50
CA ILE A 102 -16.69 -12.91 5.26
C ILE A 102 -17.87 -13.47 4.49
N LEU A 103 -18.59 -12.58 3.83
CA LEU A 103 -19.61 -13.01 2.88
C LEU A 103 -18.92 -13.16 1.52
N LEU A 104 -18.92 -14.38 1.01
CA LEU A 104 -18.41 -14.63 -0.32
C LEU A 104 -19.52 -14.40 -1.34
N ALA A 105 -19.15 -13.96 -2.54
CA ALA A 105 -20.13 -13.65 -3.58
C ALA A 105 -21.08 -14.81 -3.87
N THR A 106 -20.58 -16.03 -3.63
CA THR A 106 -21.31 -17.26 -3.92
C THR A 106 -22.52 -17.46 -3.01
N GLY A 107 -22.65 -16.59 -2.00
CA GLY A 107 -23.70 -16.70 -1.00
C GLY A 107 -23.28 -17.68 0.08
N LEU A 108 -21.98 -17.69 0.38
CA LEU A 108 -21.45 -18.50 1.45
C LEU A 108 -20.69 -17.61 2.44
N HIS A 109 -20.68 -18.02 3.70
CA HIS A 109 -19.97 -17.27 4.74
C HIS A 109 -18.77 -18.08 5.25
N VAL A 110 -17.65 -17.39 5.43
CA VAL A 110 -16.47 -18.00 6.02
C VAL A 110 -16.21 -17.38 7.39
N HIS A 111 -16.41 -18.16 8.45
CA HIS A 111 -16.12 -17.72 9.82
C HIS A 111 -14.62 -17.81 10.06
N ARG A 112 -14.11 -16.94 10.93
CA ARG A 112 -12.66 -16.91 11.20
C ARG A 112 -12.10 -18.20 11.80
N ASN A 113 -12.98 -18.99 12.43
CA ASN A 113 -12.59 -20.29 12.96
C ASN A 113 -12.36 -21.32 11.86
N SER A 114 -13.22 -21.30 10.84
CA SER A 114 -13.00 -22.10 9.64
C SER A 114 -11.64 -21.73 9.02
N ALA A 115 -11.40 -20.42 8.93
CA ALA A 115 -10.14 -19.87 8.41
C ALA A 115 -8.91 -20.36 9.19
N HIS A 116 -8.94 -20.21 10.51
CA HIS A 116 -7.87 -20.67 11.37
C HIS A 116 -7.68 -22.17 11.19
N SER A 117 -8.77 -22.92 11.27
CA SER A 117 -8.80 -24.37 11.07
C SER A 117 -8.43 -24.76 9.64
N ALA A 118 -8.07 -23.78 8.83
CA ALA A 118 -7.65 -24.03 7.46
C ALA A 118 -6.19 -23.65 7.29
N GLY A 119 -5.60 -23.06 8.32
CA GLY A 119 -4.24 -22.54 8.23
C GLY A 119 -4.18 -21.08 7.77
N VAL A 120 -5.26 -20.59 7.19
CA VAL A 120 -5.31 -19.20 6.72
C VAL A 120 -5.83 -18.23 7.79
N GLY A 121 -5.64 -18.58 9.06
CA GLY A 121 -6.11 -17.76 10.18
C GLY A 121 -5.57 -16.35 10.22
N ALA A 122 -4.25 -16.22 10.12
CA ALA A 122 -3.56 -14.93 10.19
C ALA A 122 -4.00 -13.93 9.11
N ILE A 123 -3.99 -14.35 7.84
CA ILE A 123 -4.35 -13.45 6.74
C ILE A 123 -5.82 -13.06 6.78
N PHE A 124 -6.65 -14.00 7.17
CA PHE A 124 -8.08 -13.77 7.40
C PHE A 124 -8.26 -12.75 8.52
N ASP A 125 -7.42 -12.86 9.55
CA ASP A 125 -7.44 -11.91 10.65
C ASP A 125 -6.92 -10.55 10.22
N ARG A 126 -5.96 -10.54 9.28
CA ARG A 126 -5.53 -9.30 8.65
C ARG A 126 -6.66 -8.69 7.81
N VAL A 127 -7.48 -9.54 7.17
CA VAL A 127 -8.68 -9.06 6.46
C VAL A 127 -9.77 -8.57 7.43
N LEU A 128 -9.88 -9.20 8.60
CA LEU A 128 -10.91 -8.74 9.54
C LEU A 128 -10.55 -7.43 10.24
N THR A 129 -9.31 -7.31 10.70
CA THR A 129 -8.83 -6.11 11.39
C THR A 129 -8.68 -4.92 10.43
N GLU A 130 -7.72 -5.03 9.52
CA GLU A 130 -7.31 -3.93 8.64
C GLU A 130 -8.36 -3.45 7.65
N LEU A 131 -9.25 -4.33 7.20
CA LEU A 131 -10.17 -3.98 6.11
C LEU A 131 -11.65 -3.90 6.46
N VAL A 132 -12.24 -5.03 6.84
CA VAL A 132 -13.69 -5.09 7.13
C VAL A 132 -14.08 -4.16 8.28
N SER A 133 -13.39 -4.29 9.41
CA SER A 133 -13.67 -3.51 10.60
C SER A 133 -13.60 -2.02 10.35
N LYS A 134 -12.61 -1.62 9.55
CA LYS A 134 -12.37 -0.21 9.25
C LYS A 134 -13.46 0.33 8.31
N MET A 135 -13.86 -0.48 7.35
CA MET A 135 -15.00 -0.15 6.47
C MET A 135 -16.30 0.06 7.28
N ARG A 136 -16.46 -0.69 8.37
CA ARG A 136 -17.66 -0.59 9.20
C ARG A 136 -17.59 0.61 10.15
N ASP A 137 -16.42 0.82 10.75
CA ASP A 137 -16.23 1.91 11.72
C ASP A 137 -16.21 3.31 11.10
N MET A 138 -16.40 3.36 9.79
CA MET A 138 -16.50 4.64 9.07
C MET A 138 -17.71 4.64 8.15
N GLN A 139 -18.52 3.59 8.23
CA GLN A 139 -19.70 3.41 7.40
C GLN A 139 -19.44 3.73 5.92
N MET A 140 -18.38 3.13 5.38
CA MET A 140 -17.98 3.32 4.00
C MET A 140 -19.11 2.86 3.08
N ASP A 141 -19.59 3.76 2.23
CA ASP A 141 -20.69 3.44 1.34
C ASP A 141 -20.23 2.85 0.01
N LYS A 142 -21.19 2.40 -0.79
CA LYS A 142 -20.94 1.72 -2.06
C LYS A 142 -20.25 2.58 -3.12
N THR A 143 -20.47 3.90 -3.04
CA THR A 143 -19.80 4.86 -3.91
C THR A 143 -18.32 4.99 -3.57
N GLU A 144 -18.03 5.08 -2.27
CA GLU A 144 -16.66 5.19 -1.78
C GLU A 144 -15.88 3.90 -2.01
N LEU A 145 -16.59 2.78 -1.98
CA LEU A 145 -16.03 1.50 -2.40
C LEU A 145 -15.70 1.55 -3.89
N GLY A 146 -16.71 1.81 -4.71
CA GLY A 146 -16.54 1.94 -6.14
C GLY A 146 -15.39 2.84 -6.54
N CYS A 147 -15.30 4.00 -5.89
CA CYS A 147 -14.24 4.96 -6.17
C CYS A 147 -12.86 4.44 -5.75
N LEU A 148 -12.79 3.73 -4.63
CA LEU A 148 -11.49 3.16 -4.23
C LEU A 148 -11.09 2.03 -5.16
N ARG A 149 -12.06 1.23 -5.59
CA ARG A 149 -11.83 0.18 -6.58
C ARG A 149 -11.43 0.76 -7.96
N ALA A 150 -12.04 1.89 -8.31
CA ALA A 150 -11.67 2.60 -9.53
C ALA A 150 -10.21 3.07 -9.49
N ILE A 151 -9.79 3.58 -8.33
CA ILE A 151 -8.40 3.99 -8.13
C ILE A 151 -7.48 2.80 -8.34
N VAL A 152 -7.81 1.68 -7.69
CA VAL A 152 -6.98 0.46 -7.78
C VAL A 152 -6.91 -0.09 -9.20
N LEU A 153 -7.99 0.06 -9.96
CA LEU A 153 -8.03 -0.36 -11.36
C LEU A 153 -7.09 0.49 -12.22
N PHE A 154 -7.16 1.81 -12.04
CA PHE A 154 -6.28 2.73 -12.73
C PHE A 154 -4.96 2.89 -12.00
N ASN A 155 -4.11 1.86 -12.09
CA ASN A 155 -2.82 1.84 -11.41
C ASN A 155 -1.65 2.11 -12.37
N PRO A 156 -1.07 3.33 -12.30
CA PRO A 156 -0.04 3.76 -13.25
C PRO A 156 1.32 3.11 -13.02
N ASP A 157 1.46 2.43 -11.92
CA ASP A 157 2.67 1.68 -11.63
C ASP A 157 2.76 0.43 -12.44
N SER A 158 1.62 -0.06 -12.89
CA SER A 158 1.56 -1.36 -13.49
C SER A 158 2.49 -1.37 -14.64
N LYS A 159 3.29 -2.43 -14.69
CA LYS A 159 4.34 -2.52 -15.65
C LYS A 159 3.84 -2.98 -16.94
N GLY A 160 4.29 -2.32 -17.98
CA GLY A 160 3.92 -2.71 -19.32
C GLY A 160 2.95 -1.78 -20.04
N LEU A 161 2.33 -0.86 -19.29
CA LEU A 161 1.34 0.06 -19.86
C LEU A 161 1.88 0.84 -21.06
N SER A 162 1.06 0.99 -22.09
CA SER A 162 1.47 1.76 -23.27
C SER A 162 1.53 3.25 -22.95
N ASN A 163 0.57 3.74 -22.16
CA ASN A 163 0.53 5.13 -21.72
C ASN A 163 0.14 5.22 -20.26
N PRO A 164 1.13 5.12 -19.34
CA PRO A 164 0.86 5.21 -17.90
C PRO A 164 0.23 6.54 -17.47
N ALA A 165 0.55 7.62 -18.20
CA ALA A 165 0.01 8.95 -17.93
C ALA A 165 -1.52 9.03 -18.07
N GLU A 166 -2.05 8.41 -19.13
CA GLU A 166 -3.51 8.33 -19.35
C GLU A 166 -4.24 7.58 -18.24
N VAL A 167 -3.60 6.54 -17.72
CA VAL A 167 -4.08 5.81 -16.54
C VAL A 167 -4.04 6.71 -15.31
N GLU A 168 -2.97 7.49 -15.18
CA GLU A 168 -2.79 8.43 -14.07
C GLU A 168 -3.80 9.58 -14.14
N ALA A 169 -4.16 9.98 -15.36
CA ALA A 169 -5.15 11.03 -15.58
C ALA A 169 -6.54 10.59 -15.12
N LEU A 170 -6.82 9.30 -15.29
CA LEU A 170 -8.10 8.71 -14.88
C LEU A 170 -8.08 8.35 -13.40
N ARG A 171 -6.89 8.08 -12.86
CA ARG A 171 -6.72 7.97 -11.42
C ARG A 171 -7.10 9.32 -10.80
N GLU A 172 -6.47 10.40 -11.28
CA GLU A 172 -6.80 11.77 -10.87
C GLU A 172 -8.31 12.02 -10.92
N LYS A 173 -8.94 11.71 -12.05
CA LYS A 173 -10.38 11.93 -12.21
C LYS A 173 -11.22 11.16 -11.18
N VAL A 174 -10.87 9.90 -10.93
CA VAL A 174 -11.57 9.11 -9.91
C VAL A 174 -11.45 9.67 -8.49
N TYR A 175 -10.24 10.08 -8.10
CA TYR A 175 -10.07 10.60 -6.75
C TYR A 175 -10.44 12.08 -6.58
N ALA A 176 -10.53 12.80 -7.68
CA ALA A 176 -11.10 14.15 -7.64
C ALA A 176 -12.59 14.03 -7.36
N SER A 177 -13.27 13.15 -8.09
CA SER A 177 -14.69 12.89 -7.91
C SER A 177 -15.01 12.35 -6.53
N LEU A 178 -14.17 11.44 -6.02
CA LEU A 178 -14.40 10.82 -4.72
C LEU A 178 -14.28 11.84 -3.60
N GLU A 179 -13.24 12.68 -3.65
CA GLU A 179 -13.07 13.75 -2.66
C GLU A 179 -14.28 14.69 -2.65
N ALA A 180 -14.68 15.12 -3.85
CA ALA A 180 -15.82 15.99 -4.02
C ALA A 180 -17.07 15.36 -3.41
N TYR A 181 -17.27 14.07 -3.68
CA TYR A 181 -18.41 13.31 -3.16
C TYR A 181 -18.42 13.29 -1.64
N CYS A 182 -17.26 13.06 -1.04
CA CYS A 182 -17.08 13.03 0.41
C CYS A 182 -17.27 14.42 1.03
N LYS A 183 -16.79 15.44 0.35
CA LYS A 183 -16.98 16.84 0.76
C LYS A 183 -18.46 17.19 0.75
N HIS A 184 -19.14 16.78 -0.32
CA HIS A 184 -20.55 17.10 -0.52
C HIS A 184 -21.50 16.31 0.40
N LYS A 185 -21.24 15.02 0.57
CA LYS A 185 -22.18 14.15 1.29
C LYS A 185 -21.75 13.71 2.69
N TYR A 186 -20.52 14.04 3.08
CA TYR A 186 -20.07 13.88 4.47
C TYR A 186 -19.29 15.10 4.96
N PRO A 187 -19.89 16.30 4.90
CA PRO A 187 -19.16 17.54 5.20
C PRO A 187 -18.59 17.59 6.62
N GLU A 188 -19.23 16.88 7.55
CA GLU A 188 -18.78 16.83 8.94
C GLU A 188 -17.50 16.02 9.15
N GLN A 189 -17.04 15.34 8.10
CA GLN A 189 -15.82 14.54 8.17
C GLN A 189 -14.75 15.06 7.21
N PRO A 190 -14.00 16.11 7.63
CA PRO A 190 -13.02 16.75 6.75
C PRO A 190 -11.93 15.78 6.27
N GLY A 191 -11.60 14.80 7.10
CA GLY A 191 -10.56 13.82 6.77
C GLY A 191 -11.06 12.45 6.35
N ARG A 192 -12.31 12.35 5.89
CA ARG A 192 -12.84 11.08 5.41
C ARG A 192 -12.11 10.63 4.15
N PHE A 193 -12.00 11.53 3.18
CA PHE A 193 -11.35 11.24 1.90
C PHE A 193 -9.97 10.57 2.06
N ALA A 194 -9.14 11.16 2.93
CA ALA A 194 -7.82 10.59 3.25
C ALA A 194 -7.91 9.23 3.96
N LYS A 195 -8.90 9.06 4.84
CA LYS A 195 -9.10 7.80 5.56
C LYS A 195 -9.38 6.63 4.61
N LEU A 196 -10.08 6.94 3.52
CA LEU A 196 -10.36 5.99 2.43
C LEU A 196 -9.09 5.62 1.68
N LEU A 197 -8.29 6.62 1.34
CA LEU A 197 -7.04 6.41 0.58
C LEU A 197 -5.97 5.68 1.37
N LEU A 198 -6.00 5.84 2.70
CA LEU A 198 -5.03 5.20 3.58
C LEU A 198 -5.41 3.74 3.93
N ARG A 199 -6.55 3.31 3.41
CA ARG A 199 -6.94 1.91 3.43
C ARG A 199 -6.24 1.11 2.32
N LEU A 200 -5.52 1.81 1.45
CA LEU A 200 -4.86 1.17 0.31
C LEU A 200 -3.51 0.51 0.63
N PRO A 201 -2.73 1.07 1.56
CA PRO A 201 -1.59 0.24 1.97
C PRO A 201 -2.01 -1.12 2.55
N ALA A 202 -3.02 -1.13 3.42
CA ALA A 202 -3.60 -2.38 3.94
C ALA A 202 -4.05 -3.31 2.82
N LEU A 203 -4.81 -2.76 1.88
CA LEU A 203 -5.31 -3.50 0.72
C LEU A 203 -4.18 -4.10 -0.11
N ARG A 204 -3.22 -3.25 -0.48
CA ARG A 204 -2.05 -3.68 -1.24
C ARG A 204 -1.31 -4.74 -0.46
N SER A 205 -1.13 -4.50 0.84
CA SER A 205 -0.30 -5.34 1.69
C SER A 205 -0.91 -6.71 1.90
N ILE A 206 -2.22 -6.72 2.13
CA ILE A 206 -3.01 -7.94 2.25
C ILE A 206 -3.10 -8.64 0.90
N GLY A 207 -3.36 -7.87 -0.16
CA GLY A 207 -3.45 -8.39 -1.52
C GLY A 207 -2.25 -9.20 -1.93
N LEU A 208 -1.08 -8.82 -1.42
CA LEU A 208 0.18 -9.51 -1.72
C LEU A 208 0.32 -10.80 -0.92
N LYS A 209 -0.26 -10.81 0.28
CA LYS A 209 -0.20 -11.95 1.16
C LYS A 209 -1.14 -13.05 0.63
N CYS A 210 -2.36 -12.64 0.26
CA CYS A 210 -3.31 -13.53 -0.38
C CYS A 210 -2.69 -14.18 -1.63
N LEU A 211 -2.00 -13.36 -2.43
CA LEU A 211 -1.39 -13.85 -3.65
C LEU A 211 -0.28 -14.85 -3.34
N GLU A 212 0.48 -14.58 -2.28
CA GLU A 212 1.54 -15.49 -1.85
C GLU A 212 0.93 -16.84 -1.46
N HIS A 213 -0.18 -16.81 -0.73
CA HIS A 213 -0.92 -18.03 -0.40
C HIS A 213 -1.41 -18.72 -1.66
N LEU A 214 -2.10 -17.97 -2.52
CA LEU A 214 -2.63 -18.50 -3.78
C LEU A 214 -1.59 -19.28 -4.59
N PHE A 215 -0.34 -18.80 -4.56
CA PHE A 215 0.78 -19.47 -5.23
C PHE A 215 1.18 -20.75 -4.51
N PHE A 216 1.10 -20.72 -3.19
CA PHE A 216 1.37 -21.92 -2.41
C PHE A 216 0.32 -22.98 -2.69
N PHE A 217 -0.95 -22.61 -2.56
CA PHE A 217 -2.04 -23.53 -2.88
C PHE A 217 -1.82 -24.17 -4.25
N LYS A 218 -1.34 -23.36 -5.21
CA LYS A 218 -0.98 -23.83 -6.54
C LYS A 218 0.25 -24.75 -6.52
N LEU A 219 1.34 -24.30 -5.89
CA LEU A 219 2.58 -25.07 -5.76
C LEU A 219 2.28 -26.46 -5.22
N ILE A 220 1.92 -26.51 -3.93
CA ILE A 220 1.25 -27.64 -3.32
C ILE A 220 0.04 -27.94 -4.21
N GLY A 221 -0.29 -29.20 -4.41
CA GLY A 221 -1.34 -29.51 -5.39
C GLY A 221 -2.69 -29.94 -4.84
N ASP A 222 -3.06 -29.46 -3.66
CA ASP A 222 -4.34 -29.89 -3.07
C ASP A 222 -5.35 -28.76 -2.84
N THR A 223 -5.58 -27.99 -3.90
CA THR A 223 -6.60 -26.94 -3.91
C THR A 223 -7.12 -26.71 -5.34
N PRO A 224 -8.43 -26.95 -5.58
CA PRO A 224 -8.98 -26.87 -6.94
C PRO A 224 -9.00 -25.44 -7.47
N ILE A 225 -8.15 -25.18 -8.45
CA ILE A 225 -8.04 -23.85 -9.04
C ILE A 225 -8.64 -23.83 -10.45
N ASP A 226 -9.58 -22.91 -10.67
CA ASP A 226 -10.26 -22.79 -11.97
C ASP A 226 -9.48 -21.98 -12.99
N THR A 227 -9.88 -22.10 -14.25
CA THR A 227 -9.13 -21.60 -15.41
C THR A 227 -8.75 -20.12 -15.32
N PHE A 228 -9.71 -19.29 -14.91
CA PHE A 228 -9.51 -17.83 -14.82
C PHE A 228 -8.56 -17.49 -13.66
N LEU A 229 -8.77 -18.12 -12.51
CA LEU A 229 -7.84 -17.95 -11.38
C LEU A 229 -6.45 -18.41 -11.75
N MET A 230 -6.38 -19.55 -12.45
CA MET A 230 -5.12 -20.11 -12.90
C MET A 230 -4.42 -19.19 -13.88
N GLU A 231 -5.16 -18.71 -14.89
CA GLU A 231 -4.64 -17.78 -15.87
C GLU A 231 -4.00 -16.57 -15.17
N MET A 232 -4.68 -16.07 -14.14
CA MET A 232 -4.21 -14.94 -13.35
C MET A 232 -2.96 -15.28 -12.54
N LEU A 233 -2.88 -16.53 -12.09
CA LEU A 233 -1.73 -17.02 -11.33
C LEU A 233 -0.54 -17.37 -12.24
N GLU A 234 -0.60 -16.98 -13.50
CA GLU A 234 0.49 -17.29 -14.43
C GLU A 234 1.47 -16.12 -14.52
N ALA A 235 2.75 -16.45 -14.69
CA ALA A 235 3.80 -15.45 -14.90
C ALA A 235 3.60 -14.77 -16.25
N PRO A 236 3.74 -13.41 -16.29
CA PRO A 236 3.46 -12.59 -17.47
C PRO A 236 3.59 -13.35 -18.79
N HIS B 1 -3.02 -14.97 -22.29
CA HIS B 1 -4.20 -14.81 -21.38
C HIS B 1 -5.48 -14.92 -22.21
N LYS B 2 -5.92 -16.16 -22.41
CA LYS B 2 -7.04 -16.45 -23.31
C LYS B 2 -8.37 -15.84 -22.88
N ILE B 3 -8.75 -16.07 -21.62
CA ILE B 3 -10.09 -15.71 -21.13
C ILE B 3 -10.27 -14.18 -21.05
N LEU B 4 -9.32 -13.52 -20.39
CA LEU B 4 -9.36 -12.07 -20.23
C LEU B 4 -9.64 -11.34 -21.55
N HIS B 5 -8.78 -11.57 -22.55
CA HIS B 5 -8.92 -10.98 -23.89
C HIS B 5 -10.29 -11.26 -24.53
N ARG B 6 -10.80 -12.48 -24.35
CA ARG B 6 -12.10 -12.88 -24.88
C ARG B 6 -13.23 -12.14 -24.19
N LEU B 7 -13.12 -12.02 -22.87
CA LEU B 7 -14.15 -11.40 -22.05
C LEU B 7 -14.17 -9.87 -22.17
N LEU B 8 -13.02 -9.29 -22.51
CA LEU B 8 -12.92 -7.85 -22.68
C LEU B 8 -13.49 -7.41 -24.03
N GLN B 9 -13.39 -8.27 -25.04
CA GLN B 9 -13.71 -7.89 -26.43
C GLN B 9 -15.19 -7.66 -26.69
N ASP B 10 -16.04 -8.65 -26.41
CA ASP B 10 -17.46 -8.54 -26.79
C ASP B 10 -18.28 -7.68 -25.83
N GLU C 6 -0.17 24.41 17.04
CA GLU C 6 -1.21 23.63 16.38
C GLU C 6 -0.98 22.21 16.81
N ASP C 7 -2.00 21.37 16.74
CA ASP C 7 -1.91 19.99 17.24
C ASP C 7 -0.88 19.10 16.54
N MET C 8 -0.72 19.27 15.23
CA MET C 8 0.29 18.56 14.51
C MET C 8 0.97 19.46 13.54
N PRO C 9 1.95 20.24 14.03
CA PRO C 9 2.59 21.22 13.16
C PRO C 9 3.51 20.59 12.11
N VAL C 10 3.41 21.08 10.87
CA VAL C 10 4.31 20.64 9.80
C VAL C 10 5.76 21.03 10.10
N GLU C 11 5.94 22.22 10.69
CA GLU C 11 7.26 22.79 10.94
C GLU C 11 8.14 21.88 11.81
N ARG C 12 7.55 21.32 12.87
CA ARG C 12 8.23 20.41 13.79
C ARG C 12 8.52 19.05 13.14
N ILE C 13 7.69 18.69 12.16
CA ILE C 13 7.88 17.48 11.36
C ILE C 13 8.99 17.70 10.33
N LEU C 14 9.03 18.92 9.77
CA LEU C 14 10.08 19.36 8.85
C LEU C 14 11.41 19.51 9.59
N GLU C 15 11.35 19.97 10.83
CA GLU C 15 12.52 20.13 11.70
C GLU C 15 13.15 18.78 11.99
N ALA C 16 12.30 17.76 12.16
CA ALA C 16 12.76 16.38 12.37
C ALA C 16 13.49 15.84 11.15
N GLU C 17 13.06 16.25 9.96
CA GLU C 17 13.71 15.88 8.71
C GLU C 17 15.08 16.55 8.51
N LEU C 18 15.17 17.83 8.90
CA LEU C 18 16.42 18.60 8.76
C LEU C 18 17.41 18.32 9.89
N ALA C 19 16.93 17.75 10.99
CA ALA C 19 17.77 17.47 12.15
C ALA C 19 18.72 16.28 11.90
N VAL C 20 18.16 15.19 11.44
CA VAL C 20 18.91 13.96 11.17
C VAL C 20 19.60 14.01 9.84
N GLU C 21 18.93 14.62 8.89
CA GLU C 21 19.48 14.79 7.58
C GLU C 21 20.95 14.58 7.61
N ASN C 40 32.84 -2.76 -4.88
CA ASN C 40 32.77 -4.10 -4.32
C ASN C 40 31.38 -4.72 -4.56
N ASP C 41 30.61 -4.89 -3.49
CA ASP C 41 29.22 -5.34 -3.57
C ASP C 41 28.29 -4.23 -3.09
N PRO C 42 27.48 -3.65 -4.00
CA PRO C 42 26.53 -2.61 -3.63
C PRO C 42 25.57 -3.01 -2.50
N VAL C 43 25.19 -4.28 -2.46
CA VAL C 43 24.23 -4.77 -1.47
C VAL C 43 24.81 -4.72 -0.06
N THR C 44 26.12 -4.95 0.03
CA THR C 44 26.87 -4.80 1.28
C THR C 44 26.80 -3.34 1.73
N ASN C 45 26.97 -2.43 0.78
CA ASN C 45 26.93 -0.98 1.03
C ASN C 45 25.55 -0.51 1.44
N ILE C 46 24.55 -1.08 0.77
CA ILE C 46 23.14 -0.78 1.03
C ILE C 46 22.72 -1.31 2.41
N CYS C 47 23.22 -2.50 2.76
CA CYS C 47 23.03 -3.07 4.09
C CYS C 47 23.84 -2.34 5.17
N GLN C 48 24.99 -1.79 4.79
CA GLN C 48 25.86 -1.03 5.68
C GLN C 48 25.23 0.31 6.03
N ALA C 49 24.61 0.93 5.02
CA ALA C 49 23.89 2.19 5.19
C ALA C 49 22.59 2.04 5.97
N ALA C 50 21.98 0.85 5.85
CA ALA C 50 20.71 0.54 6.52
C ALA C 50 20.87 0.50 8.02
N ASP C 51 21.81 -0.31 8.50
CA ASP C 51 22.10 -0.40 9.91
C ASP C 51 22.36 1.00 10.46
N LYS C 52 23.15 1.76 9.69
CA LYS C 52 23.52 3.12 10.05
C LYS C 52 22.28 3.97 10.25
N GLN C 53 21.48 4.09 9.20
CA GLN C 53 20.27 4.92 9.25
C GLN C 53 19.33 4.54 10.37
N LEU C 54 19.33 3.27 10.74
CA LEU C 54 18.45 2.77 11.78
C LEU C 54 18.58 3.55 13.06
N PHE C 55 19.82 3.87 13.45
CA PHE C 55 20.09 4.71 14.62
C PHE C 55 19.56 6.14 14.43
N THR C 56 19.77 6.71 13.24
CA THR C 56 19.31 8.07 12.94
C THR C 56 17.79 8.11 12.64
N LEU C 57 17.16 6.95 12.52
CA LEU C 57 15.69 6.89 12.39
C LEU C 57 15.00 6.93 13.75
N VAL C 58 15.61 6.27 14.73
CA VAL C 58 15.15 6.36 16.11
C VAL C 58 15.17 7.84 16.51
N GLU C 59 16.29 8.52 16.24
CA GLU C 59 16.46 9.94 16.54
C GLU C 59 15.45 10.83 15.82
N TRP C 60 15.13 10.47 14.58
CA TRP C 60 14.11 11.17 13.83
C TRP C 60 12.77 11.04 14.55
N ALA C 61 12.34 9.81 14.80
CA ALA C 61 11.03 9.52 15.42
C ALA C 61 10.80 10.22 16.76
N LYS C 62 11.83 10.23 17.60
CA LYS C 62 11.83 10.99 18.86
C LYS C 62 11.45 12.47 18.66
N ARG C 63 11.97 13.07 17.59
CA ARG C 63 11.69 14.46 17.22
C ARG C 63 10.32 14.67 16.55
N ILE C 64 9.56 13.59 16.37
CA ILE C 64 8.19 13.70 15.83
C ILE C 64 7.15 13.90 16.97
N PRO C 65 6.32 14.95 16.86
CA PRO C 65 5.27 15.28 17.80
C PRO C 65 4.49 14.08 18.33
N HIS C 66 4.39 14.00 19.65
CA HIS C 66 3.60 13.00 20.37
C HIS C 66 4.12 11.56 20.32
N PHE C 67 5.12 11.31 19.47
CA PHE C 67 5.67 9.95 19.34
C PHE C 67 6.34 9.51 20.64
N SER C 68 7.19 10.37 21.19
CA SER C 68 7.97 10.07 22.38
C SER C 68 7.12 9.99 23.65
N GLU C 69 5.83 10.29 23.50
CA GLU C 69 4.90 10.28 24.63
C GLU C 69 4.03 9.03 24.61
N LEU C 70 4.02 8.33 23.47
CA LEU C 70 3.42 7.00 23.37
C LEU C 70 4.20 6.05 24.26
N PRO C 71 3.54 5.01 24.81
CA PRO C 71 4.27 4.03 25.61
C PRO C 71 5.40 3.38 24.83
N LEU C 72 6.51 3.11 25.51
CA LEU C 72 7.68 2.46 24.93
C LEU C 72 7.34 1.28 24.01
N ASP C 73 6.55 0.33 24.49
CA ASP C 73 6.18 -0.86 23.72
C ASP C 73 5.61 -0.47 22.37
N ASP C 74 4.65 0.45 22.39
CA ASP C 74 4.02 0.97 21.16
C ASP C 74 5.00 1.74 20.27
N GLN C 75 6.00 2.37 20.87
CA GLN C 75 7.08 3.02 20.12
C GLN C 75 8.00 2.00 19.44
N VAL C 76 8.22 0.86 20.10
CA VAL C 76 8.99 -0.25 19.53
C VAL C 76 8.22 -0.88 18.37
N ILE C 77 6.93 -1.17 18.61
CA ILE C 77 6.07 -1.74 17.58
C ILE C 77 6.04 -0.90 16.29
N LEU C 78 5.96 0.43 16.45
CA LEU C 78 5.88 1.35 15.29
C LEU C 78 7.12 1.36 14.41
N LEU C 79 8.30 1.46 15.04
CA LEU C 79 9.56 1.47 14.32
C LEU C 79 9.93 0.11 13.71
N ARG C 80 9.65 -0.97 14.43
CA ARG C 80 9.84 -2.33 13.91
C ARG C 80 8.91 -2.61 12.72
N ALA C 81 7.78 -1.90 12.69
CA ALA C 81 6.78 -2.08 11.65
C ALA C 81 7.03 -1.15 10.47
N GLY C 82 7.66 -0.01 10.75
CA GLY C 82 7.79 1.04 9.76
C GLY C 82 9.17 1.28 9.18
N TRP C 83 10.22 0.95 9.94
CA TRP C 83 11.58 1.28 9.53
C TRP C 83 11.81 1.27 8.01
N ASN C 84 11.58 0.11 7.38
CA ASN C 84 11.79 -0.05 5.95
C ASN C 84 11.15 1.02 5.09
N GLU C 85 9.83 1.14 5.19
CA GLU C 85 9.12 2.17 4.45
C GLU C 85 9.72 3.54 4.80
N LEU C 86 9.87 3.80 6.11
CA LEU C 86 10.44 5.04 6.61
C LEU C 86 11.83 5.31 6.05
N LEU C 87 12.61 4.25 5.88
CA LEU C 87 13.98 4.37 5.39
C LEU C 87 14.01 4.46 3.87
N ILE C 88 13.12 3.71 3.24
CA ILE C 88 13.03 3.64 1.78
C ILE C 88 12.60 4.99 1.26
N ALA C 89 11.59 5.58 1.89
CA ALA C 89 11.12 6.91 1.53
C ALA C 89 12.29 7.89 1.57
N SER C 90 13.02 7.91 2.68
CA SER C 90 14.16 8.80 2.83
C SER C 90 15.08 8.75 1.62
N PHE C 91 15.73 7.61 1.40
CA PHE C 91 16.71 7.50 0.33
C PHE C 91 16.11 7.84 -1.04
N SER C 92 14.88 7.41 -1.26
CA SER C 92 14.15 7.76 -2.47
C SER C 92 14.09 9.28 -2.70
N HIS C 93 13.91 10.03 -1.63
CA HIS C 93 13.78 11.48 -1.72
C HIS C 93 15.12 12.17 -1.74
N ARG C 94 16.14 11.51 -1.19
CA ARG C 94 17.50 12.00 -1.26
C ARG C 94 18.03 11.78 -2.67
N SER C 95 17.40 10.85 -3.40
CA SER C 95 17.83 10.47 -4.75
C SER C 95 17.11 11.21 -5.88
N ILE C 96 16.27 12.18 -5.54
CA ILE C 96 15.62 13.07 -6.53
C ILE C 96 16.65 13.76 -7.43
N ALA C 97 17.88 13.86 -6.93
CA ALA C 97 18.94 14.62 -7.58
C ALA C 97 19.67 13.82 -8.65
N VAL C 98 19.91 12.53 -8.40
CA VAL C 98 20.70 11.69 -9.30
C VAL C 98 19.90 11.21 -10.51
N LYS C 99 20.59 11.07 -11.65
CA LYS C 99 19.96 10.57 -12.88
C LYS C 99 19.46 9.13 -12.74
N ASP C 100 20.37 8.16 -12.62
CA ASP C 100 19.95 6.76 -12.55
C ASP C 100 20.71 5.95 -11.52
N GLY C 101 20.32 6.17 -10.27
CA GLY C 101 20.94 5.53 -9.13
C GLY C 101 20.30 6.06 -7.87
N ILE C 102 20.77 5.57 -6.73
CA ILE C 102 20.30 6.06 -5.45
C ILE C 102 21.49 6.56 -4.64
N LEU C 103 21.24 7.55 -3.79
CA LEU C 103 22.29 8.07 -2.92
C LEU C 103 22.07 7.60 -1.48
N LEU C 104 23.10 6.97 -0.91
CA LEU C 104 23.04 6.47 0.45
C LEU C 104 23.59 7.51 1.44
N ALA C 105 23.24 7.35 2.71
CA ALA C 105 23.64 8.28 3.77
C ALA C 105 25.12 8.14 4.13
N THR C 106 25.71 6.99 3.79
CA THR C 106 27.15 6.80 3.93
C THR C 106 27.95 7.69 2.96
N GLY C 107 27.24 8.44 2.11
CA GLY C 107 27.85 9.26 1.07
C GLY C 107 28.15 8.47 -0.20
N LEU C 108 27.68 7.22 -0.23
CA LEU C 108 27.90 6.32 -1.36
C LEU C 108 26.70 6.27 -2.31
N HIS C 109 26.99 6.20 -3.61
CA HIS C 109 25.97 6.18 -4.65
C HIS C 109 25.90 4.79 -5.29
N VAL C 110 24.69 4.22 -5.33
CA VAL C 110 24.48 2.95 -6.01
C VAL C 110 23.78 3.23 -7.34
N HIS C 111 24.46 2.90 -8.43
CA HIS C 111 23.96 3.12 -9.77
C HIS C 111 23.04 1.99 -10.23
N ARG C 112 22.09 2.31 -11.10
CA ARG C 112 21.21 1.33 -11.72
C ARG C 112 21.99 0.10 -12.20
N ASN C 113 22.99 0.31 -13.05
CA ASN C 113 23.82 -0.75 -13.62
C ASN C 113 24.56 -1.57 -12.58
N SER C 114 25.02 -0.89 -11.52
CA SER C 114 25.71 -1.51 -10.41
C SER C 114 24.77 -2.40 -9.59
N ALA C 115 23.50 -1.99 -9.51
CA ALA C 115 22.49 -2.76 -8.79
C ALA C 115 22.01 -3.92 -9.63
N HIS C 116 21.99 -3.74 -10.94
CA HIS C 116 21.63 -4.82 -11.85
C HIS C 116 22.70 -5.90 -11.89
N SER C 117 23.96 -5.45 -11.87
CA SER C 117 25.11 -6.35 -11.88
C SER C 117 25.21 -7.19 -10.61
N ALA C 118 24.54 -6.75 -9.54
CA ALA C 118 24.57 -7.43 -8.25
C ALA C 118 23.40 -8.38 -8.08
N GLY C 119 22.49 -8.37 -9.05
CA GLY C 119 21.30 -9.22 -9.02
C GLY C 119 20.12 -8.67 -8.25
N VAL C 120 20.04 -7.35 -8.08
CA VAL C 120 18.89 -6.72 -7.42
C VAL C 120 18.24 -5.61 -8.28
N GLY C 121 18.36 -5.74 -9.58
CA GLY C 121 17.82 -4.74 -10.52
C GLY C 121 16.31 -4.60 -10.53
N ALA C 122 15.61 -5.69 -10.24
CA ALA C 122 14.14 -5.71 -10.28
C ALA C 122 13.54 -4.72 -9.28
N ILE C 123 13.88 -4.87 -8.00
CA ILE C 123 13.40 -3.96 -6.96
C ILE C 123 13.93 -2.54 -7.13
N PHE C 124 15.24 -2.42 -7.39
CA PHE C 124 15.91 -1.13 -7.62
C PHE C 124 15.15 -0.27 -8.62
N ASP C 125 14.79 -0.86 -9.77
CA ASP C 125 13.98 -0.17 -10.78
C ASP C 125 12.63 0.32 -10.24
N ARG C 126 11.96 -0.51 -9.44
CA ARG C 126 10.68 -0.15 -8.85
C ARG C 126 10.79 1.04 -7.91
N VAL C 127 11.86 1.09 -7.11
CA VAL C 127 12.17 2.26 -6.31
C VAL C 127 12.29 3.49 -7.23
N LEU C 128 13.09 3.37 -8.28
CA LEU C 128 13.37 4.48 -9.20
C LEU C 128 12.15 5.01 -9.96
N THR C 129 11.31 4.13 -10.51
CA THR C 129 10.15 4.58 -11.29
C THR C 129 8.94 5.00 -10.45
N GLU C 130 8.63 4.21 -9.43
CA GLU C 130 7.41 4.43 -8.63
C GLU C 130 7.58 5.44 -7.50
N LEU C 131 8.77 5.50 -6.92
CA LEU C 131 9.05 6.45 -5.86
C LEU C 131 9.90 7.59 -6.36
N VAL C 132 11.19 7.33 -6.60
CA VAL C 132 12.13 8.40 -6.96
C VAL C 132 11.59 9.29 -8.08
N SER C 133 11.10 8.67 -9.14
CA SER C 133 10.62 9.41 -10.31
C SER C 133 9.40 10.23 -9.99
N LYS C 134 8.47 9.64 -9.25
CA LYS C 134 7.21 10.30 -8.91
C LYS C 134 7.42 11.38 -7.85
N MET C 135 8.46 11.24 -7.04
CA MET C 135 8.89 12.30 -6.15
C MET C 135 9.48 13.45 -6.98
N ARG C 136 10.38 13.11 -7.90
CA ARG C 136 11.02 14.09 -8.79
C ARG C 136 10.00 14.85 -9.64
N ASP C 137 9.09 14.11 -10.28
CA ASP C 137 8.01 14.69 -11.07
C ASP C 137 7.25 15.81 -10.35
N MET C 138 6.80 15.51 -9.13
CA MET C 138 5.92 16.43 -8.42
C MET C 138 6.65 17.38 -7.48
N GLN C 139 7.97 17.32 -7.50
CA GLN C 139 8.81 18.22 -6.69
C GLN C 139 8.38 18.21 -5.24
N MET C 140 8.13 17.00 -4.73
CA MET C 140 7.73 16.79 -3.35
C MET C 140 8.76 17.43 -2.42
N ASP C 141 8.29 18.31 -1.53
CA ASP C 141 9.18 18.99 -0.63
C ASP C 141 9.38 18.16 0.63
N LYS C 142 10.38 18.53 1.42
CA LYS C 142 10.77 17.80 2.63
C LYS C 142 9.64 17.74 3.68
N THR C 143 8.79 18.76 3.69
CA THR C 143 7.64 18.79 4.57
C THR C 143 6.68 17.67 4.18
N GLU C 144 6.36 17.60 2.89
CA GLU C 144 5.48 16.56 2.37
C GLU C 144 6.06 15.16 2.64
N LEU C 145 7.35 15.01 2.38
CA LEU C 145 8.05 13.75 2.68
C LEU C 145 7.99 13.39 4.17
N GLY C 146 8.20 14.38 5.02
CA GLY C 146 8.22 14.16 6.47
C GLY C 146 6.88 13.71 7.01
N CYS C 147 5.81 14.32 6.50
CA CYS C 147 4.45 14.03 6.95
C CYS C 147 4.02 12.66 6.46
N LEU C 148 4.46 12.28 5.26
CA LEU C 148 4.22 10.94 4.74
C LEU C 148 4.88 9.90 5.62
N ARG C 149 6.17 10.06 5.89
CA ARG C 149 6.88 9.23 6.84
C ARG C 149 6.25 9.24 8.25
N ALA C 150 5.73 10.39 8.67
CA ALA C 150 5.01 10.50 9.93
C ALA C 150 3.65 9.80 9.87
N ILE C 151 3.07 9.71 8.69
CA ILE C 151 1.86 8.91 8.50
C ILE C 151 2.23 7.42 8.55
N VAL C 152 3.35 7.07 7.92
CA VAL C 152 3.83 5.68 7.93
C VAL C 152 4.22 5.27 9.35
N LEU C 153 4.97 6.13 10.03
CA LEU C 153 5.32 5.94 11.43
C LEU C 153 4.10 5.58 12.27
N PHE C 154 3.02 6.36 12.10
CA PHE C 154 1.82 6.19 12.91
C PHE C 154 0.81 5.26 12.22
N ASN C 155 1.22 4.02 12.02
CA ASN C 155 0.41 2.99 11.39
C ASN C 155 -0.49 2.29 12.41
N PRO C 156 -1.78 2.69 12.48
CA PRO C 156 -2.71 2.10 13.45
C PRO C 156 -3.01 0.62 13.18
N ASP C 157 -2.58 0.14 12.02
CA ASP C 157 -2.76 -1.27 11.65
C ASP C 157 -1.73 -2.18 12.31
N SER C 158 -0.70 -1.58 12.90
CA SER C 158 0.33 -2.32 13.61
C SER C 158 -0.26 -3.28 14.64
N LYS C 159 0.23 -4.52 14.65
CA LYS C 159 -0.26 -5.55 15.57
C LYS C 159 0.35 -5.41 16.96
N GLY C 160 -0.46 -5.63 17.98
CA GLY C 160 0.01 -5.64 19.35
C GLY C 160 -0.04 -4.30 20.05
N LEU C 161 -0.37 -3.25 19.30
CA LEU C 161 -0.48 -1.90 19.86
C LEU C 161 -1.44 -1.85 21.06
N SER C 162 -1.02 -1.15 22.12
CA SER C 162 -1.84 -1.01 23.32
C SER C 162 -3.01 -0.08 23.04
N ASN C 163 -2.72 1.00 22.31
CA ASN C 163 -3.75 1.95 21.94
C ASN C 163 -3.65 2.34 20.47
N PRO C 164 -4.36 1.60 19.59
CA PRO C 164 -4.51 1.93 18.17
C PRO C 164 -5.47 3.09 17.91
N ALA C 165 -6.36 3.38 18.85
CA ALA C 165 -7.26 4.52 18.74
C ALA C 165 -6.54 5.84 19.00
N GLU C 166 -5.36 5.77 19.64
CA GLU C 166 -4.51 6.94 19.79
C GLU C 166 -3.55 7.09 18.61
N VAL C 167 -3.18 5.96 18.01
CA VAL C 167 -2.33 5.98 16.82
C VAL C 167 -3.16 6.49 15.64
N GLU C 168 -4.37 5.96 15.52
CA GLU C 168 -5.34 6.38 14.49
C GLU C 168 -5.55 7.89 14.55
N ALA C 169 -5.68 8.43 15.76
CA ALA C 169 -5.87 9.86 15.98
C ALA C 169 -4.64 10.68 15.55
N LEU C 170 -3.45 10.17 15.88
CA LEU C 170 -2.22 10.90 15.58
C LEU C 170 -1.99 11.03 14.09
N ARG C 171 -2.01 9.89 13.40
CA ARG C 171 -1.98 9.86 11.93
C ARG C 171 -2.98 10.84 11.34
N GLU C 172 -4.20 10.81 11.86
CA GLU C 172 -5.26 11.71 11.40
C GLU C 172 -4.88 13.19 11.56
N LYS C 173 -4.25 13.53 12.69
CA LYS C 173 -3.69 14.86 12.90
C LYS C 173 -2.68 15.19 11.81
N VAL C 174 -1.72 14.29 11.61
CA VAL C 174 -0.65 14.47 10.62
C VAL C 174 -1.23 14.84 9.26
N TYR C 175 -2.15 14.00 8.75
CA TYR C 175 -2.64 14.17 7.37
C TYR C 175 -3.66 15.30 7.21
N ALA C 176 -4.29 15.70 8.30
CA ALA C 176 -5.16 16.88 8.31
C ALA C 176 -4.30 18.12 8.19
N SER C 177 -3.15 18.10 8.85
CA SER C 177 -2.14 19.13 8.73
C SER C 177 -1.54 19.13 7.34
N LEU C 178 -1.43 17.94 6.74
CA LEU C 178 -0.86 17.78 5.40
C LEU C 178 -1.79 18.33 4.33
N GLU C 179 -3.10 18.19 4.52
CA GLU C 179 -4.03 18.75 3.57
C GLU C 179 -3.94 20.28 3.61
N ALA C 180 -3.98 20.85 4.81
CA ALA C 180 -3.91 22.30 5.01
C ALA C 180 -2.70 22.92 4.30
N TYR C 181 -1.55 22.29 4.49
CA TYR C 181 -0.29 22.69 3.86
C TYR C 181 -0.39 22.61 2.34
N CYS C 182 -0.84 21.47 1.82
CA CYS C 182 -0.99 21.25 0.39
C CYS C 182 -1.99 22.23 -0.26
N LYS C 183 -3.03 22.60 0.49
CA LYS C 183 -4.00 23.60 0.04
C LYS C 183 -3.41 25.01 0.09
N HIS C 184 -2.48 25.23 1.03
CA HIS C 184 -1.85 26.53 1.23
C HIS C 184 -0.64 26.75 0.33
N LYS C 185 0.30 25.82 0.36
CA LYS C 185 1.56 25.94 -0.36
C LYS C 185 1.38 25.80 -1.86
N TYR C 186 0.73 24.72 -2.28
CA TYR C 186 0.42 24.47 -3.68
C TYR C 186 -1.10 24.46 -3.89
N PRO C 187 -1.74 25.64 -3.78
CA PRO C 187 -3.20 25.67 -3.96
C PRO C 187 -3.63 25.45 -5.42
N GLU C 188 -2.71 25.63 -6.37
CA GLU C 188 -2.99 25.50 -7.80
C GLU C 188 -3.20 24.05 -8.24
N GLN C 189 -2.74 23.11 -7.43
CA GLN C 189 -2.87 21.69 -7.74
C GLN C 189 -3.76 21.00 -6.70
N PRO C 190 -5.08 20.94 -6.98
CA PRO C 190 -6.11 20.41 -6.07
C PRO C 190 -6.00 18.91 -5.83
N GLY C 191 -5.30 18.21 -6.72
CA GLY C 191 -5.12 16.77 -6.60
C GLY C 191 -3.83 16.38 -5.92
N ARG C 192 -3.07 17.38 -5.45
CA ARG C 192 -1.77 17.13 -4.83
C ARG C 192 -1.84 16.31 -3.54
N PHE C 193 -2.70 16.72 -2.61
CA PHE C 193 -2.84 16.01 -1.33
C PHE C 193 -3.06 14.50 -1.52
N ALA C 194 -4.01 14.14 -2.39
CA ALA C 194 -4.26 12.73 -2.70
C ALA C 194 -3.07 12.07 -3.38
N LYS C 195 -2.49 12.76 -4.37
CA LYS C 195 -1.34 12.25 -5.11
C LYS C 195 -0.23 11.76 -4.17
N LEU C 196 0.02 12.52 -3.10
CA LEU C 196 1.08 12.21 -2.12
C LEU C 196 0.81 10.92 -1.37
N LEU C 197 -0.37 10.87 -0.74
CA LEU C 197 -0.85 9.65 -0.07
C LEU C 197 -0.81 8.45 -1.01
N LEU C 198 -1.15 8.68 -2.27
CA LEU C 198 -1.22 7.61 -3.26
C LEU C 198 0.15 7.14 -3.78
N ARG C 199 1.20 7.40 -2.97
CA ARG C 199 2.51 6.79 -3.15
C ARG C 199 2.73 5.78 -2.02
N LEU C 200 1.73 5.68 -1.15
CA LEU C 200 1.85 4.86 0.05
C LEU C 200 1.51 3.39 -0.17
N PRO C 201 0.57 3.07 -1.08
CA PRO C 201 0.45 1.66 -1.45
C PRO C 201 1.70 1.16 -2.18
N ALA C 202 2.32 2.02 -2.99
CA ALA C 202 3.58 1.72 -3.66
C ALA C 202 4.74 1.53 -2.68
N LEU C 203 4.90 2.47 -1.74
CA LEU C 203 5.92 2.35 -0.70
C LEU C 203 5.75 1.08 0.14
N ARG C 204 4.50 0.71 0.40
CA ARG C 204 4.15 -0.51 1.13
C ARG C 204 4.57 -1.78 0.36
N SER C 205 4.19 -1.83 -0.92
CA SER C 205 4.58 -2.90 -1.81
C SER C 205 6.10 -2.99 -1.86
N ILE C 206 6.76 -1.86 -2.15
CA ILE C 206 8.22 -1.81 -2.27
C ILE C 206 8.94 -2.13 -0.95
N GLY C 207 8.33 -1.77 0.17
CA GLY C 207 8.86 -2.10 1.48
C GLY C 207 8.98 -3.60 1.70
N LEU C 208 7.89 -4.31 1.41
CA LEU C 208 7.80 -5.75 1.61
C LEU C 208 8.71 -6.54 0.66
N LYS C 209 8.74 -6.13 -0.61
CA LYS C 209 9.61 -6.77 -1.59
C LYS C 209 11.07 -6.60 -1.18
N CYS C 210 11.39 -5.38 -0.73
CA CYS C 210 12.70 -4.99 -0.27
C CYS C 210 13.11 -5.77 0.99
N LEU C 211 12.15 -6.01 1.88
CA LEU C 211 12.36 -6.72 3.14
C LEU C 211 12.67 -8.20 2.87
N GLU C 212 11.97 -8.81 1.91
CA GLU C 212 12.24 -10.18 1.47
C GLU C 212 13.73 -10.36 1.16
N HIS C 213 14.25 -9.48 0.29
CA HIS C 213 15.68 -9.46 -0.06
C HIS C 213 16.58 -9.54 1.16
N LEU C 214 16.30 -8.71 2.16
CA LEU C 214 17.08 -8.71 3.41
C LEU C 214 17.10 -10.10 4.02
N PHE C 215 15.91 -10.69 4.19
CA PHE C 215 15.78 -12.02 4.79
C PHE C 215 16.57 -13.09 4.04
N PHE C 216 16.58 -12.99 2.71
CA PHE C 216 17.41 -13.85 1.89
C PHE C 216 18.91 -13.55 2.00
N PHE C 217 19.28 -12.27 2.15
CA PHE C 217 20.70 -11.90 2.31
C PHE C 217 21.24 -12.52 3.61
N LYS C 218 20.34 -12.67 4.58
CA LYS C 218 20.66 -13.24 5.88
C LYS C 218 20.75 -14.77 5.81
N LEU C 219 19.73 -15.41 5.22
CA LEU C 219 19.67 -16.86 5.09
C LEU C 219 20.92 -17.46 4.46
N ILE C 220 21.34 -16.87 3.34
CA ILE C 220 22.51 -17.29 2.55
C ILE C 220 23.82 -16.81 3.19
N GLY C 221 23.72 -15.85 4.10
CA GLY C 221 24.87 -15.32 4.85
C GLY C 221 26.04 -14.76 4.04
N ASP C 222 25.80 -14.50 2.76
CA ASP C 222 26.83 -14.00 1.84
C ASP C 222 27.25 -12.57 2.18
N THR C 223 26.34 -11.84 2.80
CA THR C 223 26.48 -10.41 3.04
C THR C 223 26.51 -10.15 4.54
N PRO C 224 27.54 -9.44 5.03
CA PRO C 224 27.59 -9.07 6.44
C PRO C 224 26.44 -8.14 6.83
N ILE C 225 25.74 -8.48 7.90
CA ILE C 225 24.65 -7.66 8.42
C ILE C 225 24.98 -7.24 9.84
N ASP C 226 24.97 -5.93 10.07
CA ASP C 226 25.39 -5.37 11.35
C ASP C 226 24.28 -5.49 12.40
N THR C 227 24.68 -5.36 13.66
CA THR C 227 23.82 -5.64 14.81
C THR C 227 22.42 -5.03 14.80
N PHE C 228 22.32 -3.73 14.62
CA PHE C 228 21.01 -3.06 14.65
C PHE C 228 20.08 -3.52 13.52
N LEU C 229 20.62 -3.67 12.31
CA LEU C 229 19.85 -4.22 11.20
C LEU C 229 19.43 -5.67 11.46
N MET C 230 20.33 -6.44 12.05
CA MET C 230 20.04 -7.81 12.43
C MET C 230 18.83 -7.85 13.36
N GLU C 231 18.79 -6.92 14.32
CA GLU C 231 17.74 -6.88 15.34
C GLU C 231 16.33 -6.69 14.76
N MET C 232 16.23 -5.94 13.66
CA MET C 232 14.96 -5.58 13.04
C MET C 232 14.36 -6.72 12.23
N LEU C 233 15.23 -7.53 11.62
CA LEU C 233 14.80 -8.68 10.83
C LEU C 233 14.42 -9.84 11.74
N GLU C 234 15.07 -9.89 12.91
CA GLU C 234 14.94 -11.02 13.83
C GLU C 234 13.62 -11.05 14.62
N ALA C 235 13.11 -12.27 14.78
CA ALA C 235 11.72 -12.58 15.17
C ALA C 235 11.12 -11.86 16.39
N PRO C 236 9.77 -11.78 16.44
CA PRO C 236 9.08 -11.35 17.66
C PRO C 236 8.64 -12.56 18.49
N HIS D 1 14.72 -7.58 22.06
CA HIS D 1 15.43 -6.72 21.06
C HIS D 1 16.11 -5.51 21.72
N LYS D 2 17.33 -5.72 22.20
CA LYS D 2 18.08 -4.78 23.06
C LYS D 2 18.25 -3.36 22.52
N ILE D 3 19.07 -3.23 21.48
CA ILE D 3 19.54 -1.95 20.93
C ILE D 3 18.45 -0.88 20.82
N LEU D 4 17.31 -1.27 20.25
CA LEU D 4 16.19 -0.35 20.06
C LEU D 4 15.72 0.28 21.36
N HIS D 5 15.54 -0.54 22.40
CA HIS D 5 15.03 -0.08 23.69
C HIS D 5 15.98 0.92 24.36
N ARG D 6 17.27 0.66 24.21
CA ARG D 6 18.31 1.52 24.76
C ARG D 6 18.33 2.89 24.11
N LEU D 7 17.94 2.93 22.83
CA LEU D 7 17.95 4.13 22.02
C LEU D 7 16.70 4.97 22.20
N LEU D 8 15.55 4.30 22.32
CA LEU D 8 14.28 4.98 22.63
C LEU D 8 14.30 5.57 24.06
N GLN D 9 15.40 5.35 24.75
CA GLN D 9 15.72 6.07 25.98
C GLN D 9 16.77 7.12 25.60
N ASP D 10 16.47 8.40 25.87
CA ASP D 10 17.39 9.52 25.55
C ASP D 10 18.89 9.16 25.59
CAA MLO E . -10.29 -13.58 3.50
CAB MLO E . -14.75 -13.27 -3.73
OAC MLO E . -7.01 -16.40 -2.21
OAD MLO E . -7.02 -13.61 -2.86
CAE MLO E . -9.69 -14.81 3.25
CAF MLO E . -13.33 -13.48 -3.89
CAG MLO E . -6.67 -16.63 0.14
CAH MLO E . -9.10 -13.21 -3.90
CAI MLO E . -6.99 -16.27 1.44
CAJ MLO E . -10.50 -13.34 -3.94
CAK MLO E . -8.63 -14.69 0.58
CAL MLO E . -10.40 -14.57 -1.88
CAM MLO E . -8.32 -14.90 3.10
CAN MLO E . -12.67 -14.22 -2.90
CAO MLO E . -7.33 -16.03 -0.95
CAP MLO E . -8.36 -13.76 -2.85
CAQ MLO E . -7.96 -15.30 1.66
CAR MLO E . -11.15 -14.04 -2.92
CAS MLO E . -8.31 -15.04 -0.74
CAT MLO E . -9.00 -14.45 -1.83
CAA MLO F . 20.12 4.18 2.87
CAB MLO F . 16.79 -0.11 -3.21
OAC MLO F . 15.23 -1.92 2.76
OAD MLO F . 17.96 -3.72 2.68
CAE MLO F . 19.03 3.16 2.78
CAF MLO F . 17.66 -1.20 -3.11
CAG MLO F . 16.15 -0.04 3.83
CAH MLO F . 17.88 -4.40 0.40
CAI MLO F . 17.17 0.90 3.98
CAJ MLO F . 17.68 -4.10 -0.94
CAK MLO F . 18.36 -0.15 2.17
CAL MLO F . 17.25 -1.79 -0.33
CAM MLO F . 19.41 1.89 3.29
CAN MLO F . 17.15 -2.46 -2.80
CAO MLO F . 16.24 -1.03 2.86
CAP MLO F . 17.76 -3.40 1.38
CAQ MLO F . 18.28 0.85 3.13
CAR MLO F . 17.37 -2.79 -1.31
CAS MLO F . 17.35 -1.09 2.01
CAT MLO F . 17.45 -2.09 1.03
#